data_7YWE
#
_entry.id   7YWE
#
_cell.length_a   158.900
_cell.length_b   158.900
_cell.length_c   47.850
_cell.angle_alpha   90.000
_cell.angle_beta   90.000
_cell.angle_gamma   120.000
#
_symmetry.space_group_name_H-M   'H 3'
#
loop_
_entity.id
_entity.type
_entity.pdbx_description
1 polymer 'Dirigent protein'
2 non-polymer 'PHOSPHATE ION'
3 non-polymer (4S)-2-METHYL-2,4-PENTANEDIOL
4 water water
#
_entity_poly.entity_id   1
_entity_poly.type   'polypeptide(L)'
_entity_poly.pdbx_seq_one_letter_code
;GSHMLESKLQITPCGMLVQGNQINFTKLYLHHTPAGPEQNQSAVTSNDKKIGLGCIVVNNWSVYDGIGSDAKLVAYAKGL
HVFAGAWHNSFSLVFEDERLKGSTLQVMGLIVEEGDWAIVGGTGQFAMATGVILKKMQEQKQYGNIIELTIHGFCPLLKG
S
;
_entity_poly.pdbx_strand_id   A,B,C
#
# COMPACT_ATOMS: atom_id res chain seq x y z
N ASN A 21 15.98 -4.37 -19.63
CA ASN A 21 15.56 -3.09 -20.17
C ASN A 21 14.93 -2.22 -19.07
N GLN A 22 15.64 -1.14 -18.71
CA GLN A 22 15.18 -0.22 -17.68
C GLN A 22 14.56 1.01 -18.31
N ILE A 23 13.48 1.49 -17.71
CA ILE A 23 12.78 2.68 -18.21
C ILE A 23 13.69 3.89 -18.03
N ASN A 24 14.01 4.56 -19.13
CA ASN A 24 14.90 5.73 -19.12
C ASN A 24 14.13 6.93 -18.59
N PHE A 25 14.07 7.03 -17.26
CA PHE A 25 13.42 8.15 -16.59
C PHE A 25 14.41 9.27 -16.34
N THR A 26 13.93 10.50 -16.48
CA THR A 26 14.69 11.66 -16.02
C THR A 26 14.52 11.82 -14.51
N LYS A 27 15.46 12.52 -13.90
CA LYS A 27 15.38 12.78 -12.48
C LYS A 27 14.24 13.75 -12.20
N LEU A 28 13.35 13.37 -11.28
CA LEU A 28 12.21 14.19 -10.92
C LEU A 28 12.48 14.89 -9.59
N TYR A 29 11.74 15.98 -9.35
CA TYR A 29 11.97 16.85 -8.20
C TYR A 29 10.64 17.09 -7.50
N LEU A 30 10.45 16.40 -6.37
CA LEU A 30 9.22 16.45 -5.61
C LEU A 30 9.25 17.63 -4.65
N HIS A 31 8.20 18.44 -4.68
CA HIS A 31 8.08 19.61 -3.81
C HIS A 31 7.27 19.22 -2.58
N HIS A 32 7.96 19.09 -1.44
CA HIS A 32 7.37 18.70 -0.16
C HIS A 32 7.18 19.96 0.67
N THR A 33 5.96 20.46 0.72
CA THR A 33 5.66 21.74 1.36
C THR A 33 4.70 21.53 2.53
N PRO A 34 5.21 21.41 3.76
CA PRO A 34 4.32 21.15 4.90
C PRO A 34 3.48 22.36 5.30
N ALA A 35 3.93 23.57 5.04
CA ALA A 35 3.20 24.77 5.46
C ALA A 35 3.50 25.88 4.46
N GLY A 36 3.09 27.10 4.81
CA GLY A 36 3.33 28.26 3.98
C GLY A 36 2.21 28.51 2.99
N PRO A 37 2.36 29.55 2.17
CA PRO A 37 1.31 29.88 1.20
C PRO A 37 1.15 28.86 0.09
N GLU A 38 2.14 27.99 -0.12
CA GLU A 38 2.06 26.95 -1.14
C GLU A 38 1.97 25.55 -0.52
N GLN A 39 1.32 25.45 0.64
CA GLN A 39 1.24 24.17 1.34
C GLN A 39 0.45 23.17 0.51
N ASN A 40 1.03 21.97 0.34
CA ASN A 40 0.43 20.91 -0.47
C ASN A 40 0.17 19.64 0.33
N GLN A 41 0.06 19.75 1.64
CA GLN A 41 -0.23 18.60 2.49
C GLN A 41 -0.87 19.10 3.77
N SER A 42 -1.43 18.17 4.54
CA SER A 42 -2.10 18.53 5.78
C SER A 42 -2.19 17.31 6.69
N ALA A 43 -2.02 17.54 7.99
CA ALA A 43 -2.18 16.49 8.97
C ALA A 43 -3.64 16.41 9.39
N VAL A 44 -4.20 15.19 9.36
CA VAL A 44 -5.57 14.97 9.77
C VAL A 44 -5.68 14.36 11.17
N THR A 45 -4.65 13.67 11.64
CA THR A 45 -4.59 13.18 13.01
C THR A 45 -3.28 13.63 13.64
N SER A 46 -3.19 13.48 14.96
CA SER A 46 -2.03 13.91 15.72
C SER A 46 -1.38 12.70 16.39
N ASN A 47 -0.19 12.92 16.93
CA ASN A 47 0.54 11.87 17.62
C ASN A 47 0.05 11.73 19.06
N ASP A 48 -0.11 10.49 19.50
CA ASP A 48 -0.47 10.23 20.88
C ASP A 48 0.75 10.49 21.77
N LYS A 49 0.55 11.27 22.83
CA LYS A 49 1.67 11.59 23.72
C LYS A 49 2.16 10.37 24.49
N LYS A 50 1.35 9.32 24.59
CA LYS A 50 1.75 8.15 25.36
C LYS A 50 2.64 7.21 24.54
N ILE A 51 2.39 7.10 23.25
CA ILE A 51 3.10 6.14 22.39
C ILE A 51 4.07 6.89 21.50
N GLY A 52 3.69 8.09 21.08
CA GLY A 52 4.52 8.89 20.21
C GLY A 52 4.31 8.66 18.73
N LEU A 53 3.17 8.12 18.33
CA LEU A 53 2.88 7.86 16.93
C LEU A 53 1.41 8.14 16.68
N GLY A 54 1.01 8.03 15.41
CA GLY A 54 -0.38 8.20 15.03
C GLY A 54 -0.67 9.31 14.04
N CYS A 55 0.27 10.23 13.82
CA CYS A 55 0.01 11.35 12.91
C CYS A 55 -0.12 10.86 11.48
N ILE A 56 -1.22 11.23 10.83
CA ILE A 56 -1.49 10.89 9.44
C ILE A 56 -1.55 12.19 8.65
N VAL A 57 -0.77 12.26 7.58
CA VAL A 57 -0.70 13.45 6.74
C VAL A 57 -1.10 13.05 5.33
N VAL A 58 -2.10 13.72 4.78
CA VAL A 58 -2.49 13.55 3.38
C VAL A 58 -1.75 14.58 2.56
N ASN A 59 -1.20 14.16 1.43
CA ASN A 59 -0.29 14.99 0.64
C ASN A 59 -0.64 14.93 -0.84
N ASN A 60 -0.51 16.08 -1.50
CA ASN A 60 -0.63 16.20 -2.94
C ASN A 60 0.64 16.87 -3.47
N TRP A 61 1.74 16.12 -3.42
CA TRP A 61 3.04 16.67 -3.76
C TRP A 61 3.19 16.90 -5.25
N SER A 62 3.63 18.09 -5.62
CA SER A 62 3.91 18.40 -7.02
C SER A 62 5.28 17.89 -7.42
N VAL A 63 5.38 17.36 -8.63
CA VAL A 63 6.60 16.72 -9.13
C VAL A 63 6.96 17.36 -10.46
N TYR A 64 8.17 17.90 -10.56
CA TYR A 64 8.65 18.60 -11.74
C TYR A 64 9.71 17.76 -12.45
N ASP A 65 9.91 18.07 -13.74
CA ASP A 65 10.88 17.37 -14.56
C ASP A 65 12.26 18.00 -14.52
N GLY A 66 12.49 18.92 -13.60
CA GLY A 66 13.76 19.63 -13.58
C GLY A 66 13.76 20.67 -12.49
N ILE A 67 14.82 21.49 -12.50
CA ILE A 67 15.01 22.53 -11.50
C ILE A 67 15.00 23.88 -12.21
N GLY A 68 14.62 24.92 -11.48
CA GLY A 68 14.61 26.27 -12.01
C GLY A 68 13.19 26.80 -12.18
N SER A 69 13.14 28.07 -12.59
CA SER A 69 11.85 28.75 -12.72
C SER A 69 11.04 28.27 -13.91
N ASP A 70 11.68 27.65 -14.90
CA ASP A 70 10.99 27.15 -16.08
C ASP A 70 10.72 25.65 -16.04
N ALA A 71 10.99 24.99 -14.91
CA ALA A 71 10.65 23.59 -14.79
C ALA A 71 9.14 23.42 -14.82
N LYS A 72 8.68 22.41 -15.55
CA LYS A 72 7.25 22.18 -15.71
C LYS A 72 6.77 21.03 -14.85
N LEU A 73 5.50 21.10 -14.46
CA LEU A 73 4.88 20.04 -13.68
C LEU A 73 4.58 18.86 -14.59
N VAL A 74 5.02 17.67 -14.19
CA VAL A 74 4.79 16.47 -14.98
C VAL A 74 4.03 15.39 -14.21
N ALA A 75 3.94 15.47 -12.89
CA ALA A 75 3.27 14.42 -12.12
C ALA A 75 2.87 14.96 -10.77
N TYR A 76 2.00 14.19 -10.09
CA TYR A 76 1.61 14.45 -8.73
C TYR A 76 1.84 13.21 -7.88
N ALA A 77 2.18 13.44 -6.62
CA ALA A 77 2.34 12.36 -5.63
C ALA A 77 1.15 12.46 -4.68
N LYS A 78 0.08 11.74 -5.01
CA LYS A 78 -1.18 11.81 -4.28
C LYS A 78 -1.31 10.60 -3.36
N GLY A 79 -1.33 10.86 -2.05
CA GLY A 79 -1.53 9.78 -1.09
C GLY A 79 -1.41 10.26 0.35
N LEU A 80 -0.76 9.46 1.18
CA LEU A 80 -0.64 9.78 2.60
C LEU A 80 0.63 9.17 3.15
N HIS A 81 1.08 9.71 4.29
CA HIS A 81 2.16 9.11 5.05
C HIS A 81 1.83 9.20 6.53
N VAL A 82 2.09 8.11 7.25
CA VAL A 82 1.76 7.99 8.66
C VAL A 82 3.04 7.86 9.47
N PHE A 83 3.05 8.45 10.66
CA PHE A 83 4.22 8.46 11.53
C PHE A 83 4.12 7.33 12.55
N ALA A 84 5.01 6.34 12.43
CA ALA A 84 5.08 5.22 13.37
C ALA A 84 6.53 4.99 13.76
N GLY A 85 7.16 6.03 14.31
CA GLY A 85 8.59 6.06 14.55
C GLY A 85 9.32 6.56 13.32
N ALA A 86 8.81 6.23 12.14
CA ALA A 86 9.25 6.79 10.88
C ALA A 86 8.03 6.92 9.97
N TRP A 87 8.16 7.73 8.93
CA TRP A 87 7.03 8.01 8.05
C TRP A 87 6.89 6.91 7.01
N HIS A 88 5.75 6.23 7.02
CA HIS A 88 5.42 5.21 6.03
C HIS A 88 4.52 5.84 4.98
N ASN A 89 5.00 5.91 3.74
CA ASN A 89 4.30 6.58 2.66
C ASN A 89 3.53 5.59 1.80
N SER A 90 2.42 6.06 1.24
CA SER A 90 1.67 5.30 0.25
C SER A 90 0.95 6.30 -0.65
N PHE A 91 1.39 6.41 -1.90
CA PHE A 91 0.83 7.41 -2.79
C PHE A 91 0.89 6.92 -4.23
N SER A 92 0.02 7.50 -5.05
CA SER A 92 0.02 7.29 -6.49
C SER A 92 0.82 8.40 -7.16
N LEU A 93 1.73 8.01 -8.06
CA LEU A 93 2.51 8.98 -8.83
C LEU A 93 1.86 9.12 -10.20
N VAL A 94 0.87 9.99 -10.27
CA VAL A 94 0.05 10.16 -11.47
C VAL A 94 0.69 11.23 -12.35
N PHE A 95 0.90 10.90 -13.62
CA PHE A 95 1.64 11.75 -14.52
C PHE A 95 0.70 12.71 -15.25
N GLU A 96 0.94 14.01 -15.09
CA GLU A 96 0.22 15.03 -15.82
C GLU A 96 0.88 15.34 -17.16
N ASP A 97 1.96 14.64 -17.51
CA ASP A 97 2.65 14.87 -18.77
C ASP A 97 1.73 14.58 -19.95
N GLU A 98 1.97 15.27 -21.06
CA GLU A 98 1.10 15.16 -22.21
C GLU A 98 1.13 13.75 -22.80
N ARG A 99 2.32 13.17 -22.94
CA ARG A 99 2.44 11.85 -23.54
C ARG A 99 2.09 10.74 -22.55
N LEU A 100 2.25 10.98 -21.25
CA LEU A 100 2.01 9.97 -20.23
C LEU A 100 0.80 10.33 -19.35
N LYS A 101 -0.19 11.00 -19.91
CA LYS A 101 -1.36 11.39 -19.14
C LYS A 101 -2.19 10.16 -18.79
N GLY A 102 -2.48 10.01 -17.49
CA GLY A 102 -3.28 8.89 -17.03
C GLY A 102 -2.45 7.80 -16.38
N SER A 103 -1.26 7.55 -16.92
CA SER A 103 -0.39 6.53 -16.36
C SER A 103 0.10 6.94 -14.98
N THR A 104 0.17 5.96 -14.08
CA THR A 104 0.56 6.19 -12.69
C THR A 104 1.64 5.19 -12.29
N LEU A 105 2.42 5.58 -11.29
CA LEU A 105 3.32 4.68 -10.59
C LEU A 105 2.86 4.56 -9.14
N GLN A 106 2.77 3.32 -8.65
CA GLN A 106 2.32 3.06 -7.29
C GLN A 106 3.54 2.91 -6.38
N VAL A 107 3.62 3.77 -5.36
CA VAL A 107 4.81 3.89 -4.53
C VAL A 107 4.44 3.61 -3.08
N MET A 108 5.30 2.85 -2.40
CA MET A 108 5.15 2.60 -0.97
C MET A 108 6.53 2.46 -0.36
N GLY A 109 6.72 3.06 0.80
CA GLY A 109 8.01 2.97 1.45
C GLY A 109 8.12 3.95 2.60
N LEU A 110 9.29 3.91 3.23
CA LEU A 110 9.57 4.65 4.46
C LEU A 110 10.42 5.88 4.16
N ILE A 111 10.22 6.91 5.00
CA ILE A 111 10.96 8.18 4.97
C ILE A 111 10.55 9.00 3.76
N VAL A 112 10.49 10.32 3.93
CA VAL A 112 10.08 11.23 2.87
C VAL A 112 11.29 11.87 2.18
N GLU A 113 12.18 12.50 2.97
CA GLU A 113 13.29 13.25 2.37
C GLU A 113 14.38 12.33 1.85
N GLU A 114 14.85 11.40 2.67
CA GLU A 114 15.94 10.51 2.31
C GLU A 114 15.44 9.08 2.15
N GLY A 115 16.38 8.15 1.99
CA GLY A 115 16.03 6.75 1.92
C GLY A 115 15.60 6.30 0.54
N ASP A 116 14.87 5.19 0.51
CA ASP A 116 14.37 4.59 -0.72
C ASP A 116 12.86 4.41 -0.65
N TRP A 117 12.26 4.26 -1.81
CA TRP A 117 10.85 3.90 -1.94
C TRP A 117 10.73 2.74 -2.92
N ALA A 118 9.66 1.96 -2.77
CA ALA A 118 9.41 0.81 -3.62
C ALA A 118 8.34 1.14 -4.65
N ILE A 119 8.58 0.73 -5.89
CA ILE A 119 7.59 0.81 -6.95
C ILE A 119 6.82 -0.51 -6.92
N VAL A 120 5.62 -0.47 -6.32
CA VAL A 120 4.83 -1.69 -6.14
C VAL A 120 3.92 -1.96 -7.33
N GLY A 121 3.88 -1.10 -8.32
CA GLY A 121 3.07 -1.33 -9.49
C GLY A 121 2.84 -0.04 -10.26
N GLY A 122 2.00 -0.16 -11.28
CA GLY A 122 1.69 1.00 -12.10
C GLY A 122 0.56 0.68 -13.06
N THR A 123 0.11 1.72 -13.76
CA THR A 123 -1.02 1.62 -14.67
C THR A 123 -0.72 2.38 -15.95
N GLY A 124 -1.41 1.99 -17.02
CA GLY A 124 -1.27 2.65 -18.31
C GLY A 124 0.02 2.28 -19.01
N GLN A 125 0.85 3.28 -19.31
CA GLN A 125 2.14 3.02 -19.93
C GLN A 125 3.11 2.30 -19.00
N PHE A 126 2.87 2.37 -17.69
CA PHE A 126 3.71 1.70 -16.70
C PHE A 126 2.98 0.55 -16.03
N ALA A 127 2.19 -0.19 -16.81
CA ALA A 127 1.46 -1.33 -16.27
C ALA A 127 2.43 -2.43 -15.81
N MET A 128 2.14 -2.99 -14.64
CA MET A 128 2.95 -4.08 -14.05
C MET A 128 4.37 -3.63 -13.77
N ALA A 129 4.56 -2.36 -13.42
CA ALA A 129 5.89 -1.84 -13.16
C ALA A 129 6.42 -2.34 -11.81
N THR A 130 7.75 -2.41 -11.71
CA THR A 130 8.40 -2.81 -10.47
C THR A 130 9.77 -2.16 -10.43
N GLY A 131 10.15 -1.69 -9.25
CA GLY A 131 11.43 -1.01 -9.11
C GLY A 131 11.51 -0.27 -7.79
N VAL A 132 12.48 0.64 -7.72
CA VAL A 132 12.73 1.44 -6.52
C VAL A 132 12.91 2.90 -6.92
N ILE A 133 12.76 3.77 -5.94
CA ILE A 133 12.93 5.21 -6.12
C ILE A 133 13.88 5.70 -5.04
N LEU A 134 15.01 6.28 -5.45
CA LEU A 134 15.97 6.85 -4.52
C LEU A 134 15.66 8.33 -4.30
N LYS A 135 15.75 8.75 -3.04
CA LYS A 135 15.43 10.12 -2.63
C LYS A 135 16.68 10.81 -2.11
N LYS A 136 16.82 12.09 -2.43
CA LYS A 136 17.95 12.88 -1.98
C LYS A 136 17.51 14.32 -1.78
N MET A 137 17.81 14.87 -0.62
CA MET A 137 17.53 16.27 -0.34
C MET A 137 18.34 17.17 -1.25
N GLN A 138 17.69 18.16 -1.85
CA GLN A 138 18.37 19.07 -2.77
C GLN A 138 18.32 20.53 -2.34
N GLU A 139 17.21 20.97 -1.75
CA GLU A 139 17.08 22.36 -1.35
C GLU A 139 16.10 22.46 -0.19
N GLN A 140 16.50 23.19 0.85
CA GLN A 140 15.66 23.42 2.03
C GLN A 140 15.20 24.88 2.00
N LYS A 141 13.90 25.09 1.85
CA LYS A 141 13.33 26.43 1.81
C LYS A 141 12.62 26.72 3.14
N GLN A 142 11.99 27.90 3.21
CA GLN A 142 11.40 28.36 4.46
C GLN A 142 10.22 27.49 4.87
N TYR A 143 9.34 27.15 3.93
CA TYR A 143 8.13 26.40 4.23
C TYR A 143 8.11 25.03 3.55
N GLY A 144 9.24 24.56 3.03
CA GLY A 144 9.25 23.26 2.38
C GLY A 144 10.64 22.93 1.88
N ASN A 145 10.70 21.82 1.13
CA ASN A 145 11.96 21.35 0.57
C ASN A 145 11.68 20.60 -0.72
N ILE A 146 12.74 20.44 -1.52
CA ILE A 146 12.68 19.76 -2.81
C ILE A 146 13.46 18.47 -2.70
N ILE A 147 12.86 17.36 -3.13
CA ILE A 147 13.44 16.04 -3.01
C ILE A 147 13.69 15.49 -4.41
N GLU A 148 14.95 15.17 -4.71
CA GLU A 148 15.31 14.59 -6.00
C GLU A 148 14.92 13.13 -6.02
N LEU A 149 14.30 12.69 -7.12
CA LEU A 149 13.84 11.32 -7.27
C LEU A 149 14.57 10.67 -8.44
N THR A 150 15.17 9.51 -8.19
CA THR A 150 15.78 8.68 -9.22
C THR A 150 15.02 7.38 -9.30
N ILE A 151 14.40 7.12 -10.45
CA ILE A 151 13.50 5.99 -10.62
C ILE A 151 14.24 4.88 -11.36
N HIS A 152 14.33 3.71 -10.72
CA HIS A 152 14.88 2.52 -11.35
C HIS A 152 13.77 1.49 -11.53
N GLY A 153 12.90 1.77 -12.50
CA GLY A 153 11.74 0.94 -12.75
C GLY A 153 11.90 0.05 -13.97
N PHE A 154 11.09 -1.02 -13.98
CA PHE A 154 11.09 -1.98 -15.07
C PHE A 154 9.65 -2.34 -15.41
N CYS A 155 9.35 -2.44 -16.70
CA CYS A 155 7.99 -2.73 -17.16
C CYS A 155 8.02 -3.90 -18.13
N PRO A 156 7.27 -4.96 -17.89
CA PRO A 156 7.23 -6.08 -18.84
C PRO A 156 6.17 -5.88 -19.91
N LEU A 157 5.89 -4.63 -20.26
CA LEU A 157 4.86 -4.31 -21.26
C LEU A 157 5.45 -4.49 -22.66
N LEU A 158 5.69 -5.74 -23.01
CA LEU A 158 6.25 -6.09 -24.30
C LEU A 158 5.96 -7.55 -24.66
N SER B 7 16.22 -15.80 14.39
CA SER B 7 15.56 -16.01 13.10
C SER B 7 16.53 -16.66 12.10
N LYS B 8 16.01 -16.99 10.92
CA LYS B 8 16.78 -17.68 9.90
C LYS B 8 16.36 -17.18 8.53
N LEU B 9 17.34 -16.75 7.73
CA LEU B 9 17.10 -16.24 6.39
C LEU B 9 17.87 -17.10 5.39
N GLN B 10 17.15 -17.81 4.53
CA GLN B 10 17.74 -18.62 3.47
C GLN B 10 17.59 -17.91 2.13
N ILE B 11 18.67 -17.94 1.34
CA ILE B 11 18.68 -17.33 0.02
C ILE B 11 19.03 -18.42 -0.99
N THR B 12 18.15 -18.62 -1.97
CA THR B 12 18.31 -19.68 -2.96
C THR B 12 18.19 -19.08 -4.36
N PRO B 13 19.20 -19.21 -5.20
CA PRO B 13 19.08 -18.71 -6.57
C PRO B 13 18.16 -19.59 -7.39
N CYS B 14 17.41 -18.97 -8.29
CA CYS B 14 16.43 -19.68 -9.10
C CYS B 14 15.99 -18.76 -10.24
N GLY B 15 14.86 -19.09 -10.86
CA GLY B 15 14.32 -18.27 -11.92
C GLY B 15 12.85 -17.98 -11.68
N MET B 16 12.38 -16.92 -12.33
CA MET B 16 11.00 -16.45 -12.18
C MET B 16 10.33 -16.44 -13.54
N LEU B 17 9.25 -17.22 -13.67
CA LEU B 17 8.46 -17.25 -14.90
C LEU B 17 7.46 -16.10 -14.84
N VAL B 18 7.78 -15.00 -15.54
CA VAL B 18 6.95 -13.81 -15.48
C VAL B 18 5.56 -14.08 -16.04
N GLN B 19 5.50 -14.59 -17.27
CA GLN B 19 4.23 -14.94 -17.90
C GLN B 19 3.82 -16.37 -17.57
N GLY B 20 3.83 -16.70 -16.28
CA GLY B 20 3.47 -18.03 -15.84
C GLY B 20 1.99 -18.33 -16.00
N ASN B 21 1.18 -17.84 -15.07
CA ASN B 21 -0.27 -18.05 -15.08
C ASN B 21 -0.94 -16.70 -15.31
N GLN B 22 -1.60 -16.57 -16.47
CA GLN B 22 -2.33 -15.34 -16.80
C GLN B 22 -3.79 -15.50 -16.38
N ILE B 23 -4.26 -14.56 -15.56
CA ILE B 23 -5.64 -14.54 -15.08
C ILE B 23 -6.33 -13.33 -15.69
N ASN B 24 -7.55 -13.53 -16.19
CA ASN B 24 -8.32 -12.47 -16.82
C ASN B 24 -9.77 -12.62 -16.38
N PHE B 25 -10.24 -11.70 -15.54
CA PHE B 25 -11.60 -11.70 -15.03
C PHE B 25 -12.38 -10.58 -15.70
N THR B 26 -13.43 -10.95 -16.44
CA THR B 26 -14.30 -9.99 -17.09
C THR B 26 -15.68 -10.02 -16.43
N LYS B 27 -16.40 -8.90 -16.59
CA LYS B 27 -17.75 -8.74 -16.06
C LYS B 27 -17.79 -8.87 -14.54
N LEU B 28 -17.03 -8.01 -13.88
CA LEU B 28 -17.07 -7.85 -12.43
C LEU B 28 -17.53 -6.43 -12.10
N TYR B 29 -18.44 -6.30 -11.14
CA TYR B 29 -19.13 -5.05 -10.88
C TYR B 29 -19.04 -4.71 -9.41
N LEU B 30 -18.41 -3.60 -9.09
CA LEU B 30 -18.21 -3.14 -7.72
C LEU B 30 -19.30 -2.13 -7.35
N HIS B 31 -19.92 -2.33 -6.20
CA HIS B 31 -20.98 -1.46 -5.73
C HIS B 31 -20.37 -0.39 -4.82
N HIS B 32 -20.18 0.81 -5.36
CA HIS B 32 -19.62 1.93 -4.61
C HIS B 32 -20.79 2.75 -4.09
N THR B 33 -21.08 2.61 -2.79
CA THR B 33 -22.31 3.13 -2.18
C THR B 33 -21.96 4.08 -1.04
N PRO B 34 -21.76 5.37 -1.33
CA PRO B 34 -21.40 6.32 -0.26
C PRO B 34 -22.54 6.70 0.67
N ALA B 35 -23.79 6.38 0.33
CA ALA B 35 -24.93 6.83 1.14
C ALA B 35 -26.03 5.79 1.06
N GLY B 36 -27.10 6.03 1.81
CA GLY B 36 -28.26 5.17 1.82
C GLY B 36 -28.18 4.10 2.88
N PRO B 37 -29.20 3.25 2.96
CA PRO B 37 -29.17 2.15 3.94
C PRO B 37 -28.15 1.08 3.59
N GLU B 38 -27.80 0.93 2.31
CA GLU B 38 -26.78 -0.01 1.89
C GLU B 38 -25.39 0.62 1.82
N GLN B 39 -25.17 1.70 2.56
CA GLN B 39 -23.88 2.39 2.55
C GLN B 39 -22.78 1.47 3.03
N ASN B 40 -21.73 1.32 2.21
CA ASN B 40 -20.64 0.39 2.49
C ASN B 40 -19.30 1.11 2.63
N GLN B 41 -19.32 2.35 3.10
CA GLN B 41 -18.10 3.10 3.37
C GLN B 41 -18.45 4.25 4.30
N SER B 42 -17.40 4.87 4.85
CA SER B 42 -17.61 5.98 5.78
C SER B 42 -16.34 6.81 5.87
N ALA B 43 -16.50 8.13 5.89
CA ALA B 43 -15.39 9.05 6.04
C ALA B 43 -15.09 9.27 7.52
N VAL B 44 -13.82 9.10 7.90
CA VAL B 44 -13.41 9.30 9.29
C VAL B 44 -12.64 10.58 9.50
N THR B 45 -12.27 11.29 8.43
CA THR B 45 -11.68 12.61 8.52
C THR B 45 -12.35 13.51 7.48
N SER B 46 -12.17 14.82 7.65
CA SER B 46 -12.69 15.79 6.70
C SER B 46 -11.53 16.53 6.04
N ASN B 47 -11.81 17.12 4.88
CA ASN B 47 -10.79 17.89 4.18
C ASN B 47 -10.42 19.14 4.98
N ASP B 48 -9.14 19.49 4.95
CA ASP B 48 -8.70 20.76 5.51
C ASP B 48 -9.24 21.89 4.66
N LYS B 49 -9.99 22.80 5.29
CA LYS B 49 -10.69 23.83 4.53
C LYS B 49 -9.73 24.78 3.84
N LYS B 50 -8.51 24.92 4.36
CA LYS B 50 -7.53 25.82 3.77
C LYS B 50 -6.74 25.17 2.63
N ILE B 51 -6.49 23.87 2.71
CA ILE B 51 -5.65 23.18 1.74
C ILE B 51 -6.52 22.48 0.70
N GLY B 52 -7.68 22.00 1.13
CA GLY B 52 -8.59 21.31 0.23
C GLY B 52 -8.39 19.82 0.11
N LEU B 53 -7.80 19.17 1.13
CA LEU B 53 -7.59 17.74 1.10
C LEU B 53 -7.55 17.21 2.52
N GLY B 54 -7.56 15.89 2.65
CA GLY B 54 -7.41 15.27 3.94
C GLY B 54 -8.45 14.22 4.27
N CYS B 55 -9.58 14.26 3.57
CA CYS B 55 -10.68 13.34 3.86
C CYS B 55 -10.25 11.89 3.62
N ILE B 56 -10.40 11.07 4.65
CA ILE B 56 -10.07 9.65 4.59
C ILE B 56 -11.36 8.86 4.74
N VAL B 57 -11.60 7.96 3.78
CA VAL B 57 -12.80 7.12 3.78
C VAL B 57 -12.35 5.67 3.87
N VAL B 58 -12.98 4.91 4.76
CA VAL B 58 -12.75 3.47 4.89
C VAL B 58 -13.89 2.76 4.17
N ASN B 59 -13.54 1.87 3.24
CA ASN B 59 -14.52 1.27 2.35
C ASN B 59 -14.56 -0.25 2.52
N ASN B 60 -15.76 -0.80 2.42
CA ASN B 60 -15.99 -2.24 2.35
C ASN B 60 -16.90 -2.52 1.15
N TRP B 61 -16.38 -2.21 -0.03
CA TRP B 61 -17.16 -2.27 -1.25
C TRP B 61 -17.48 -3.72 -1.60
N SER B 62 -18.76 -4.00 -1.88
CA SER B 62 -19.16 -5.31 -2.33
C SER B 62 -18.95 -5.44 -3.84
N VAL B 63 -18.54 -6.62 -4.28
CA VAL B 63 -18.28 -6.90 -5.68
C VAL B 63 -19.14 -8.07 -6.11
N TYR B 64 -19.91 -7.87 -7.18
CA TYR B 64 -20.83 -8.88 -7.69
C TYR B 64 -20.35 -9.35 -9.07
N ASP B 65 -20.81 -10.54 -9.44
CA ASP B 65 -20.43 -11.17 -10.69
C ASP B 65 -21.36 -10.83 -11.84
N GLY B 66 -22.18 -9.78 -11.70
CA GLY B 66 -23.09 -9.41 -12.76
C GLY B 66 -23.92 -8.21 -12.34
N ILE B 67 -24.81 -7.80 -13.24
CA ILE B 67 -25.73 -6.70 -13.02
C ILE B 67 -27.15 -7.25 -13.03
N GLY B 68 -27.94 -6.86 -12.04
CA GLY B 68 -29.32 -7.31 -11.97
C GLY B 68 -29.65 -8.06 -10.69
N SER B 69 -30.71 -8.84 -10.72
CA SER B 69 -31.14 -9.59 -9.54
C SER B 69 -30.56 -11.00 -9.47
N ASP B 70 -30.04 -11.52 -10.58
CA ASP B 70 -29.43 -12.84 -10.59
C ASP B 70 -27.95 -12.82 -10.21
N ALA B 71 -27.38 -11.63 -10.00
CA ALA B 71 -25.98 -11.53 -9.64
C ALA B 71 -25.76 -11.95 -8.19
N LYS B 72 -24.57 -12.47 -7.92
CA LYS B 72 -24.19 -12.93 -6.60
C LYS B 72 -22.92 -12.24 -6.14
N LEU B 73 -22.84 -11.98 -4.83
CA LEU B 73 -21.65 -11.35 -4.28
C LEU B 73 -20.48 -12.33 -4.32
N VAL B 74 -19.34 -11.88 -4.81
CA VAL B 74 -18.17 -12.73 -4.96
C VAL B 74 -16.96 -12.23 -4.19
N ALA B 75 -16.90 -10.96 -3.79
CA ALA B 75 -15.73 -10.45 -3.10
C ALA B 75 -16.09 -9.16 -2.38
N TYR B 76 -15.18 -8.72 -1.52
CA TYR B 76 -15.27 -7.45 -0.82
C TYR B 76 -13.99 -6.66 -1.05
N ALA B 77 -14.13 -5.36 -1.30
CA ALA B 77 -13.00 -4.45 -1.45
C ALA B 77 -12.80 -3.77 -0.10
N LYS B 78 -11.97 -4.37 0.75
CA LYS B 78 -11.75 -3.90 2.10
C LYS B 78 -10.46 -3.09 2.16
N GLY B 79 -10.59 -1.80 2.49
CA GLY B 79 -9.42 -0.96 2.64
C GLY B 79 -9.76 0.50 2.92
N LEU B 80 -9.10 1.40 2.21
CA LEU B 80 -9.35 2.82 2.39
C LEU B 80 -9.01 3.57 1.10
N HIS B 81 -9.52 4.78 1.00
CA HIS B 81 -9.13 5.69 -0.07
C HIS B 81 -9.15 7.11 0.46
N VAL B 82 -8.11 7.88 0.16
CA VAL B 82 -7.91 9.21 0.70
C VAL B 82 -7.94 10.22 -0.44
N PHE B 83 -8.44 11.41 -0.15
CA PHE B 83 -8.56 12.47 -1.15
C PHE B 83 -7.39 13.42 -1.03
N ALA B 84 -6.58 13.47 -2.09
CA ALA B 84 -5.44 14.39 -2.20
C ALA B 84 -5.45 15.03 -3.58
N GLY B 85 -6.56 15.71 -3.88
CA GLY B 85 -6.86 16.18 -5.22
C GLY B 85 -7.63 15.13 -6.00
N ALA B 86 -7.31 13.86 -5.77
CA ALA B 86 -8.05 12.73 -6.29
C ALA B 86 -8.01 11.62 -5.25
N TRP B 87 -8.73 10.54 -5.52
CA TRP B 87 -8.87 9.46 -4.56
C TRP B 87 -7.78 8.41 -4.82
N HIS B 88 -6.87 8.26 -3.86
CA HIS B 88 -5.85 7.22 -3.88
C HIS B 88 -6.35 6.02 -3.09
N ASN B 89 -6.45 4.88 -3.74
CA ASN B 89 -7.02 3.68 -3.13
C ASN B 89 -5.95 2.74 -2.62
N SER B 90 -6.36 1.87 -1.69
CA SER B 90 -5.50 0.86 -1.11
C SER B 90 -6.36 -0.15 -0.36
N PHE B 91 -6.59 -1.32 -0.95
CA PHE B 91 -7.52 -2.27 -0.35
C PHE B 91 -7.13 -3.69 -0.70
N SER B 92 -7.66 -4.63 0.06
CA SER B 92 -7.51 -6.07 -0.19
C SER B 92 -8.80 -6.58 -0.82
N LEU B 93 -8.71 -7.07 -2.05
CA LEU B 93 -9.87 -7.66 -2.73
C LEU B 93 -9.97 -9.12 -2.32
N VAL B 94 -10.64 -9.36 -1.20
CA VAL B 94 -10.78 -10.71 -0.64
C VAL B 94 -12.01 -11.36 -1.24
N PHE B 95 -11.82 -12.49 -1.91
CA PHE B 95 -12.92 -13.20 -2.55
C PHE B 95 -13.69 -14.04 -1.53
N GLU B 96 -14.99 -14.20 -1.78
CA GLU B 96 -15.87 -14.93 -0.88
C GLU B 96 -16.52 -16.15 -1.51
N ASP B 97 -16.33 -16.40 -2.80
CA ASP B 97 -16.91 -17.57 -3.42
C ASP B 97 -16.16 -18.83 -2.97
N GLU B 98 -16.73 -19.99 -3.30
CA GLU B 98 -16.17 -21.25 -2.82
C GLU B 98 -14.83 -21.55 -3.48
N ARG B 99 -14.74 -21.38 -4.81
CA ARG B 99 -13.54 -21.77 -5.54
C ARG B 99 -12.36 -20.83 -5.30
N LEU B 100 -12.58 -19.67 -4.69
CA LEU B 100 -11.51 -18.71 -4.47
C LEU B 100 -11.54 -18.13 -3.05
N LYS B 101 -12.08 -18.88 -2.10
CA LYS B 101 -12.14 -18.40 -0.71
C LYS B 101 -10.74 -18.31 -0.13
N GLY B 102 -10.45 -17.18 0.52
CA GLY B 102 -9.16 -16.93 1.12
C GLY B 102 -8.19 -16.19 0.24
N SER B 103 -8.25 -16.39 -1.06
CA SER B 103 -7.34 -15.72 -1.98
C SER B 103 -7.71 -14.25 -2.10
N THR B 104 -6.72 -13.37 -1.97
CA THR B 104 -6.95 -11.93 -2.01
C THR B 104 -6.11 -11.30 -3.10
N LEU B 105 -6.50 -10.09 -3.50
CA LEU B 105 -5.75 -9.29 -4.46
C LEU B 105 -5.52 -7.92 -3.84
N GLN B 106 -4.25 -7.53 -3.75
CA GLN B 106 -3.89 -6.23 -3.19
C GLN B 106 -3.90 -5.20 -4.32
N VAL B 107 -4.64 -4.10 -4.10
CA VAL B 107 -4.93 -3.13 -5.15
C VAL B 107 -4.52 -1.75 -4.68
N MET B 108 -3.83 -1.02 -5.55
CA MET B 108 -3.53 0.38 -5.32
C MET B 108 -3.78 1.16 -6.61
N GLY B 109 -4.10 2.42 -6.47
CA GLY B 109 -4.33 3.24 -7.64
C GLY B 109 -5.21 4.42 -7.35
N LEU B 110 -5.30 5.29 -8.35
CA LEU B 110 -6.06 6.53 -8.26
C LEU B 110 -7.44 6.34 -8.86
N ILE B 111 -8.38 7.15 -8.39
CA ILE B 111 -9.74 7.28 -8.91
C ILE B 111 -10.56 6.03 -8.61
N VAL B 112 -11.84 6.22 -8.27
CA VAL B 112 -12.75 5.13 -7.96
C VAL B 112 -13.67 4.80 -9.13
N GLU B 113 -14.25 5.83 -9.75
CA GLU B 113 -15.29 5.61 -10.75
C GLU B 113 -14.70 5.14 -12.08
N GLU B 114 -13.53 5.65 -12.46
CA GLU B 114 -12.94 5.35 -13.76
C GLU B 114 -11.43 5.21 -13.57
N GLY B 115 -10.72 5.10 -14.68
CA GLY B 115 -9.28 4.98 -14.64
C GLY B 115 -8.83 3.53 -14.52
N ASP B 116 -7.62 3.38 -13.98
CA ASP B 116 -7.00 2.07 -13.84
C ASP B 116 -6.48 1.90 -12.42
N TRP B 117 -6.55 0.66 -11.94
CA TRP B 117 -6.01 0.27 -10.65
C TRP B 117 -4.88 -0.73 -10.87
N ALA B 118 -3.91 -0.73 -9.95
CA ALA B 118 -2.75 -1.59 -10.05
C ALA B 118 -2.88 -2.77 -9.10
N ILE B 119 -2.67 -3.98 -9.61
CA ILE B 119 -2.57 -5.18 -8.80
C ILE B 119 -1.14 -5.28 -8.30
N VAL B 120 -0.92 -4.99 -7.01
CA VAL B 120 0.43 -4.92 -6.46
C VAL B 120 0.84 -6.19 -5.74
N GLY B 121 -0.05 -7.18 -5.65
CA GLY B 121 0.28 -8.41 -4.97
C GLY B 121 -0.98 -9.22 -4.71
N GLY B 122 -0.80 -10.31 -3.97
CA GLY B 122 -1.93 -11.15 -3.62
C GLY B 122 -1.48 -12.26 -2.69
N THR B 123 -2.47 -13.03 -2.24
CA THR B 123 -2.24 -14.15 -1.33
C THR B 123 -3.05 -15.35 -1.81
N GLY B 124 -2.72 -16.51 -1.27
CA GLY B 124 -3.45 -17.72 -1.60
C GLY B 124 -3.20 -18.13 -3.04
N GLN B 125 -4.28 -18.27 -3.81
CA GLN B 125 -4.19 -18.66 -5.22
C GLN B 125 -3.66 -17.54 -6.10
N PHE B 126 -3.60 -16.31 -5.59
CA PHE B 126 -3.10 -15.16 -6.34
C PHE B 126 -1.78 -14.65 -5.75
N ALA B 127 -0.94 -15.56 -5.29
CA ALA B 127 0.33 -15.17 -4.69
C ALA B 127 1.22 -14.50 -5.71
N MET B 128 1.84 -13.39 -5.31
CA MET B 128 2.79 -12.66 -6.15
C MET B 128 2.13 -12.12 -7.42
N ALA B 129 0.82 -11.93 -7.38
CA ALA B 129 0.09 -11.50 -8.57
C ALA B 129 0.43 -10.06 -8.92
N THR B 130 0.58 -9.80 -10.21
CA THR B 130 0.79 -8.45 -10.71
C THR B 130 -0.12 -8.23 -11.91
N GLY B 131 -0.56 -6.99 -12.08
CA GLY B 131 -1.45 -6.67 -13.19
C GLY B 131 -2.15 -5.36 -12.95
N VAL B 132 -3.24 -5.16 -13.68
CA VAL B 132 -4.03 -3.94 -13.61
C VAL B 132 -5.51 -4.30 -13.52
N ILE B 133 -6.30 -3.32 -13.07
CA ILE B 133 -7.75 -3.45 -13.00
C ILE B 133 -8.36 -2.25 -13.70
N LEU B 134 -9.15 -2.50 -14.73
CA LEU B 134 -9.79 -1.45 -15.50
C LEU B 134 -11.14 -1.11 -14.88
N LYS B 135 -11.37 0.17 -14.60
CA LYS B 135 -12.63 0.66 -14.05
C LYS B 135 -13.44 1.32 -15.16
N LYS B 136 -14.75 1.10 -15.12
CA LYS B 136 -15.64 1.66 -16.13
C LYS B 136 -17.03 1.82 -15.53
N MET B 137 -17.60 3.02 -15.65
CA MET B 137 -18.93 3.28 -15.11
C MET B 137 -19.96 2.40 -15.79
N GLN B 138 -20.65 1.58 -14.99
CA GLN B 138 -21.67 0.67 -15.51
C GLN B 138 -23.08 1.22 -15.31
N GLU B 139 -23.39 1.74 -14.12
CA GLU B 139 -24.71 2.26 -13.84
C GLU B 139 -24.64 3.25 -12.69
N GLN B 140 -25.23 4.42 -12.89
CA GLN B 140 -25.34 5.42 -11.83
C GLN B 140 -26.66 5.22 -11.11
N LYS B 141 -26.61 5.21 -9.78
CA LYS B 141 -27.79 4.99 -8.94
C LYS B 141 -27.96 6.16 -7.98
N GLN B 142 -29.06 6.11 -7.23
CA GLN B 142 -29.39 7.21 -6.32
C GLN B 142 -28.39 7.33 -5.19
N TYR B 143 -28.03 6.20 -4.57
CA TYR B 143 -27.15 6.19 -3.41
C TYR B 143 -25.70 5.89 -3.78
N GLY B 144 -25.39 5.77 -5.06
CA GLY B 144 -24.02 5.51 -5.48
C GLY B 144 -23.93 5.13 -6.94
N ASN B 145 -23.04 4.20 -7.26
CA ASN B 145 -22.89 3.76 -8.64
C ASN B 145 -22.26 2.38 -8.66
N ILE B 146 -22.46 1.69 -9.78
CA ILE B 146 -21.87 0.38 -10.02
C ILE B 146 -20.74 0.54 -11.01
N ILE B 147 -19.55 0.07 -10.63
CA ILE B 147 -18.34 0.22 -11.43
C ILE B 147 -17.95 -1.15 -11.97
N GLU B 148 -17.89 -1.27 -13.30
CA GLU B 148 -17.45 -2.51 -13.93
C GLU B 148 -15.94 -2.63 -13.82
N LEU B 149 -15.48 -3.79 -13.35
CA LEU B 149 -14.06 -4.06 -13.17
C LEU B 149 -13.60 -5.08 -14.21
N THR B 150 -12.40 -4.88 -14.73
CA THR B 150 -11.79 -5.78 -15.70
C THR B 150 -10.38 -6.09 -15.21
N ILE B 151 -10.17 -7.33 -14.76
CA ILE B 151 -8.91 -7.74 -14.16
C ILE B 151 -8.01 -8.35 -15.23
N HIS B 152 -6.85 -7.75 -15.44
CA HIS B 152 -5.82 -8.28 -16.32
C HIS B 152 -4.52 -8.38 -15.54
N GLY B 153 -4.01 -9.59 -15.37
CA GLY B 153 -2.79 -9.75 -14.60
C GLY B 153 -2.12 -11.08 -14.88
N PHE B 154 -1.03 -11.31 -14.14
CA PHE B 154 -0.24 -12.53 -14.24
C PHE B 154 0.10 -13.03 -12.85
N CYS B 155 0.41 -14.33 -12.77
CA CYS B 155 0.87 -14.95 -11.53
C CYS B 155 2.13 -15.75 -11.82
N PRO B 156 3.28 -15.33 -11.32
CA PRO B 156 4.51 -16.10 -11.54
C PRO B 156 4.46 -17.45 -10.85
N LEU B 157 5.06 -18.46 -11.50
CA LEU B 157 5.06 -19.82 -11.01
C LEU B 157 6.32 -20.18 -10.24
N LEU B 158 7.48 -19.67 -10.68
CA LEU B 158 8.77 -19.96 -10.05
C LEU B 158 9.03 -21.46 -10.01
N LEU C 17 12.27 -16.06 -18.48
CA LEU C 17 12.63 -16.23 -17.09
C LEU C 17 13.43 -15.03 -16.56
N VAL C 18 13.42 -14.84 -15.25
CA VAL C 18 14.15 -13.76 -14.60
C VAL C 18 15.04 -14.37 -13.52
N GLN C 19 16.35 -14.18 -13.65
CA GLN C 19 17.27 -14.70 -12.66
C GLN C 19 17.22 -13.85 -11.39
N GLY C 20 17.17 -14.52 -10.24
CA GLY C 20 17.13 -13.82 -8.97
C GLY C 20 17.40 -14.73 -7.79
N ASN C 21 16.82 -14.38 -6.63
CA ASN C 21 17.02 -15.14 -5.41
C ASN C 21 15.70 -15.30 -4.68
N GLN C 22 15.46 -16.50 -4.17
CA GLN C 22 14.30 -16.77 -3.32
C GLN C 22 14.70 -16.52 -1.88
N ILE C 23 14.10 -15.51 -1.26
CA ILE C 23 14.35 -15.18 0.14
C ILE C 23 13.33 -15.92 1.00
N ASN C 24 13.80 -16.49 2.11
CA ASN C 24 12.95 -17.29 2.99
C ASN C 24 13.30 -16.95 4.44
N PHE C 25 12.43 -16.18 5.09
CA PHE C 25 12.57 -15.87 6.51
C PHE C 25 11.75 -16.84 7.33
N THR C 26 12.34 -17.30 8.44
CA THR C 26 11.63 -18.17 9.38
C THR C 26 11.90 -17.72 10.80
N LYS C 27 10.93 -18.01 11.68
CA LYS C 27 11.06 -17.75 13.11
C LYS C 27 11.27 -16.27 13.41
N LEU C 28 10.49 -15.42 12.75
CA LEU C 28 10.38 -14.01 13.11
C LEU C 28 9.15 -13.84 13.98
N TYR C 29 9.28 -13.08 15.07
CA TYR C 29 8.22 -12.96 16.07
C TYR C 29 7.84 -11.50 16.23
N LEU C 30 6.63 -11.15 15.79
CA LEU C 30 6.13 -9.79 15.84
C LEU C 30 5.35 -9.57 17.13
N HIS C 31 5.62 -8.45 17.80
CA HIS C 31 4.92 -8.09 19.03
C HIS C 31 3.76 -7.16 18.67
N HIS C 32 2.54 -7.64 18.87
CA HIS C 32 1.32 -6.88 18.62
C HIS C 32 0.75 -6.50 19.99
N THR C 33 1.01 -5.26 20.42
CA THR C 33 0.73 -4.80 21.77
C THR C 33 -0.28 -3.65 21.72
N PRO C 34 -1.58 -3.94 21.74
CA PRO C 34 -2.58 -2.86 21.69
C PRO C 34 -2.69 -2.05 22.97
N ALA C 35 -2.23 -2.58 24.11
CA ALA C 35 -2.36 -1.87 25.38
C ALA C 35 -1.19 -2.26 26.27
N GLY C 36 -1.12 -1.61 27.43
CA GLY C 36 -0.10 -1.89 28.41
C GLY C 36 1.03 -0.90 28.37
N PRO C 37 2.02 -1.06 29.26
CA PRO C 37 3.16 -0.13 29.28
C PRO C 37 4.06 -0.25 28.06
N GLU C 38 3.96 -1.34 27.30
CA GLU C 38 4.74 -1.52 26.08
C GLU C 38 3.86 -1.46 24.84
N GLN C 39 2.78 -0.67 24.91
CA GLN C 39 1.87 -0.52 23.78
C GLN C 39 2.59 0.11 22.60
N ASN C 40 2.52 -0.55 21.43
CA ASN C 40 3.25 -0.13 20.24
C ASN C 40 2.31 0.26 19.11
N GLN C 41 1.11 0.73 19.44
CA GLN C 41 0.16 1.19 18.43
C GLN C 41 -0.84 2.11 19.12
N SER C 42 -1.64 2.78 18.31
CA SER C 42 -2.62 3.73 18.84
C SER C 42 -3.67 4.00 17.78
N ALA C 43 -4.94 3.90 18.19
CA ALA C 43 -6.05 4.23 17.30
C ALA C 43 -6.16 5.73 17.15
N VAL C 44 -6.37 6.19 15.91
CA VAL C 44 -6.50 7.61 15.64
C VAL C 44 -7.91 7.99 15.21
N THR C 45 -8.70 7.06 14.67
CA THR C 45 -10.10 7.30 14.38
C THR C 45 -10.92 6.17 15.02
N SER C 46 -12.20 6.44 15.20
CA SER C 46 -13.12 5.48 15.79
C SER C 46 -13.94 4.80 14.70
N ASN C 47 -14.58 3.70 15.07
CA ASN C 47 -15.52 3.04 14.17
C ASN C 47 -16.81 3.84 14.08
N ASP C 48 -17.34 3.97 12.87
CA ASP C 48 -18.63 4.61 12.66
C ASP C 48 -19.73 3.64 13.08
N LYS C 49 -20.54 4.05 14.07
CA LYS C 49 -21.57 3.16 14.60
C LYS C 49 -22.64 2.83 13.59
N LYS C 50 -22.86 3.69 12.58
CA LYS C 50 -23.91 3.45 11.61
C LYS C 50 -23.52 2.36 10.61
N ILE C 51 -22.28 2.36 10.15
CA ILE C 51 -21.84 1.43 9.12
C ILE C 51 -21.07 0.25 9.70
N GLY C 52 -20.29 0.48 10.75
CA GLY C 52 -19.51 -0.57 11.37
C GLY C 52 -18.07 -0.65 10.92
N LEU C 53 -17.48 0.46 10.47
CA LEU C 53 -16.11 0.47 10.00
C LEU C 53 -15.54 1.86 10.18
N GLY C 54 -14.23 1.98 9.98
CA GLY C 54 -13.55 3.27 10.02
C GLY C 54 -12.45 3.40 11.03
N CYS C 55 -12.28 2.44 11.94
CA CYS C 55 -11.21 2.54 12.93
C CYS C 55 -9.85 2.41 12.25
N ILE C 56 -8.99 3.39 12.50
CA ILE C 56 -7.64 3.42 11.95
C ILE C 56 -6.66 3.38 13.11
N VAL C 57 -5.71 2.44 13.07
CA VAL C 57 -4.69 2.29 14.08
C VAL C 57 -3.33 2.38 13.41
N VAL C 58 -2.48 3.28 13.91
CA VAL C 58 -1.11 3.38 13.45
C VAL C 58 -0.24 2.51 14.35
N ASN C 59 0.53 1.60 13.74
CA ASN C 59 1.26 0.58 14.47
C ASN C 59 2.75 0.66 14.20
N ASN C 60 3.53 0.46 15.25
CA ASN C 60 4.99 0.30 15.16
C ASN C 60 5.35 -1.01 15.85
N TRP C 61 4.96 -2.11 15.22
CA TRP C 61 5.15 -3.43 15.81
C TRP C 61 6.63 -3.82 15.81
N SER C 62 7.13 -4.24 16.96
CA SER C 62 8.51 -4.72 17.06
C SER C 62 8.58 -6.18 16.64
N VAL C 63 9.66 -6.54 15.94
CA VAL C 63 9.90 -7.90 15.49
C VAL C 63 11.21 -8.39 16.09
N TYR C 64 11.16 -9.54 16.74
CA TYR C 64 12.32 -10.13 17.41
C TYR C 64 12.71 -11.44 16.74
N ASP C 65 13.93 -11.89 17.04
CA ASP C 65 14.48 -13.09 16.45
C ASP C 65 14.14 -14.36 17.23
N GLY C 66 13.35 -14.25 18.29
CA GLY C 66 13.00 -15.42 19.07
C GLY C 66 12.11 -15.03 20.24
N ILE C 67 11.82 -16.03 21.07
CA ILE C 67 11.01 -15.85 22.27
C ILE C 67 11.93 -15.88 23.49
N GLY C 68 11.51 -15.20 24.55
CA GLY C 68 12.25 -15.14 25.78
C GLY C 68 12.94 -13.79 25.96
N SER C 69 13.63 -13.66 27.09
CA SER C 69 14.32 -12.43 27.43
C SER C 69 15.61 -12.24 26.63
N ASP C 70 16.15 -13.30 26.05
CA ASP C 70 17.38 -13.23 25.27
C ASP C 70 17.13 -12.83 23.82
N ALA C 71 15.89 -12.50 23.46
CA ALA C 71 15.58 -12.16 22.07
C ALA C 71 16.08 -10.77 21.73
N LYS C 72 16.55 -10.61 20.49
CA LYS C 72 17.06 -9.34 19.99
C LYS C 72 16.07 -8.76 18.99
N LEU C 73 15.88 -7.44 19.06
CA LEU C 73 15.02 -6.75 18.09
C LEU C 73 15.73 -6.66 16.75
N VAL C 74 15.07 -7.15 15.70
CA VAL C 74 15.67 -7.17 14.38
C VAL C 74 14.93 -6.31 13.36
N ALA C 75 13.65 -6.00 13.56
CA ALA C 75 12.91 -5.23 12.57
C ALA C 75 11.70 -4.59 13.21
N TYR C 76 11.15 -3.60 12.50
CA TYR C 76 9.92 -2.91 12.91
C TYR C 76 8.90 -2.99 11.79
N ALA C 77 7.63 -3.12 12.17
CA ALA C 77 6.52 -3.06 11.22
C ALA C 77 5.86 -1.70 11.38
N LYS C 78 6.26 -0.75 10.53
CA LYS C 78 5.82 0.63 10.62
C LYS C 78 4.78 0.91 9.54
N GLY C 79 3.56 1.20 9.96
CA GLY C 79 2.48 1.52 9.04
C GLY C 79 1.15 1.73 9.73
N LEU C 80 0.10 1.12 9.20
CA LEU C 80 -1.24 1.29 9.78
C LEU C 80 -2.14 0.16 9.30
N HIS C 81 -3.23 -0.05 10.03
CA HIS C 81 -4.26 -0.99 9.62
C HIS C 81 -5.63 -0.38 9.89
N VAL C 82 -6.54 -0.53 8.93
CA VAL C 82 -7.88 0.02 8.99
C VAL C 82 -8.89 -1.11 9.05
N PHE C 83 -10.02 -0.85 9.72
CA PHE C 83 -11.05 -1.86 9.92
C PHE C 83 -12.22 -1.58 8.97
N ALA C 84 -12.48 -2.54 8.06
CA ALA C 84 -13.60 -2.48 7.14
C ALA C 84 -14.25 -3.87 7.07
N GLY C 85 -14.81 -4.31 8.20
CA GLY C 85 -15.28 -5.67 8.33
C GLY C 85 -14.15 -6.56 8.81
N ALA C 86 -12.98 -6.38 8.23
CA ALA C 86 -11.73 -6.98 8.68
C ALA C 86 -10.65 -5.91 8.69
N TRP C 87 -9.43 -6.31 9.05
CA TRP C 87 -8.31 -5.37 9.18
C TRP C 87 -7.47 -5.44 7.92
N HIS C 88 -7.46 -4.33 7.15
CA HIS C 88 -6.59 -4.21 6.00
C HIS C 88 -5.29 -3.54 6.43
N ASN C 89 -4.16 -4.16 6.11
CA ASN C 89 -2.85 -3.72 6.57
C ASN C 89 -2.05 -3.11 5.44
N SER C 90 -1.20 -2.15 5.82
CA SER C 90 -0.25 -1.54 4.90
C SER C 90 0.89 -0.98 5.75
N PHE C 91 2.11 -1.51 5.57
CA PHE C 91 3.22 -1.10 6.40
C PHE C 91 4.53 -1.47 5.73
N SER C 92 5.60 -0.85 6.22
CA SER C 92 6.96 -1.15 5.78
C SER C 92 7.66 -1.96 6.86
N LEU C 93 8.25 -3.09 6.45
CA LEU C 93 9.01 -3.96 7.35
C LEU C 93 10.48 -3.59 7.20
N VAL C 94 10.95 -2.66 8.02
CA VAL C 94 12.32 -2.18 7.96
C VAL C 94 13.15 -2.95 8.99
N PHE C 95 14.31 -3.44 8.55
CA PHE C 95 15.17 -4.24 9.41
C PHE C 95 16.19 -3.35 10.12
N GLU C 96 16.51 -3.73 11.36
CA GLU C 96 17.43 -2.96 12.19
C GLU C 96 18.78 -3.62 12.40
N ASP C 97 18.94 -4.88 12.01
CA ASP C 97 20.25 -5.53 12.13
C ASP C 97 21.26 -4.84 11.24
N GLU C 98 22.54 -4.97 11.62
CA GLU C 98 23.59 -4.21 10.94
C GLU C 98 23.69 -4.56 9.46
N ARG C 99 23.53 -5.84 9.12
CA ARG C 99 23.68 -6.25 7.73
C ARG C 99 22.53 -5.75 6.86
N LEU C 100 21.30 -5.80 7.39
CA LEU C 100 20.11 -5.44 6.63
C LEU C 100 19.55 -4.08 7.04
N LYS C 101 20.36 -3.22 7.64
CA LYS C 101 19.88 -1.95 8.19
C LYS C 101 19.41 -1.04 7.06
N GLY C 102 18.14 -0.64 7.10
CA GLY C 102 17.56 0.23 6.13
C GLY C 102 16.68 -0.47 5.10
N SER C 103 17.01 -1.72 4.76
CA SER C 103 16.22 -2.45 3.78
C SER C 103 14.82 -2.70 4.33
N THR C 104 13.83 -2.63 3.45
CA THR C 104 12.44 -2.76 3.85
C THR C 104 11.74 -3.83 3.02
N LEU C 105 10.58 -4.25 3.52
CA LEU C 105 9.66 -5.12 2.80
C LEU C 105 8.28 -4.48 2.86
N GLN C 106 7.73 -4.13 1.70
CA GLN C 106 6.42 -3.52 1.65
C GLN C 106 5.34 -4.60 1.72
N VAL C 107 4.42 -4.47 2.66
CA VAL C 107 3.47 -5.52 2.98
C VAL C 107 2.05 -4.95 2.95
N MET C 108 1.14 -5.64 2.27
CA MET C 108 -0.27 -5.34 2.28
C MET C 108 -1.05 -6.64 2.40
N GLY C 109 -2.16 -6.59 3.13
CA GLY C 109 -3.00 -7.75 3.26
C GLY C 109 -3.99 -7.60 4.40
N LEU C 110 -4.78 -8.66 4.59
CA LEU C 110 -5.87 -8.67 5.55
C LEU C 110 -5.52 -9.53 6.75
N ILE C 111 -6.16 -9.21 7.88
CA ILE C 111 -6.03 -9.91 9.16
C ILE C 111 -4.64 -9.68 9.74
N VAL C 112 -4.55 -9.60 11.07
CA VAL C 112 -3.31 -9.30 11.77
C VAL C 112 -2.74 -10.51 12.48
N GLU C 113 -3.60 -11.27 13.18
CA GLU C 113 -3.14 -12.36 14.03
C GLU C 113 -3.07 -13.70 13.34
N GLU C 114 -3.56 -13.81 12.11
CA GLU C 114 -3.52 -15.06 11.35
C GLU C 114 -3.71 -14.74 9.87
N GLY C 115 -3.71 -15.80 9.07
CA GLY C 115 -3.93 -15.64 7.65
C GLY C 115 -2.66 -15.37 6.86
N ASP C 116 -2.79 -14.68 5.72
CA ASP C 116 -1.68 -14.42 4.83
C ASP C 116 -1.53 -12.93 4.58
N TRP C 117 -0.29 -12.51 4.38
CA TRP C 117 0.06 -11.17 3.94
C TRP C 117 0.78 -11.27 2.60
N ALA C 118 0.74 -10.17 1.85
CA ALA C 118 1.36 -10.12 0.53
C ALA C 118 2.53 -9.15 0.55
N ILE C 119 3.64 -9.56 -0.07
CA ILE C 119 4.81 -8.72 -0.23
C ILE C 119 4.68 -8.01 -1.57
N VAL C 120 4.57 -6.68 -1.53
CA VAL C 120 4.30 -5.90 -2.74
C VAL C 120 5.51 -5.14 -3.23
N GLY C 121 6.63 -5.24 -2.52
CA GLY C 121 7.84 -4.54 -2.92
C GLY C 121 8.87 -4.60 -1.82
N GLY C 122 9.96 -3.87 -2.04
CA GLY C 122 11.04 -3.82 -1.08
C GLY C 122 12.13 -2.89 -1.56
N THR C 123 12.99 -2.51 -0.62
CA THR C 123 14.09 -1.59 -0.90
C THR C 123 15.39 -2.16 -0.34
N GLY C 124 16.50 -1.55 -0.76
CA GLY C 124 17.80 -1.97 -0.26
C GLY C 124 18.14 -3.36 -0.74
N GLN C 125 18.49 -4.23 0.21
CA GLN C 125 18.87 -5.61 -0.13
C GLN C 125 17.70 -6.42 -0.69
N PHE C 126 16.47 -5.96 -0.50
CA PHE C 126 15.29 -6.68 -0.98
C PHE C 126 14.53 -5.84 -2.01
N ALA C 127 15.26 -5.19 -2.91
CA ALA C 127 14.62 -4.39 -3.94
C ALA C 127 13.76 -5.27 -4.84
N MET C 128 12.56 -4.78 -5.15
CA MET C 128 11.62 -5.46 -6.05
C MET C 128 11.22 -6.83 -5.50
N ALA C 129 11.13 -6.93 -4.19
CA ALA C 129 10.73 -8.18 -3.55
C ALA C 129 9.26 -8.48 -3.83
N THR C 130 8.95 -9.74 -4.10
CA THR C 130 7.58 -10.18 -4.30
C THR C 130 7.38 -11.53 -3.62
N GLY C 131 6.27 -11.67 -2.91
CA GLY C 131 6.01 -12.91 -2.21
C GLY C 131 4.87 -12.75 -1.23
N VAL C 132 4.84 -13.65 -0.23
CA VAL C 132 3.78 -13.68 0.77
C VAL C 132 4.40 -13.84 2.15
N ILE C 133 3.64 -13.42 3.16
CA ILE C 133 4.02 -13.56 4.56
C ILE C 133 2.94 -14.39 5.26
N LEU C 134 3.36 -15.46 5.94
CA LEU C 134 2.46 -16.30 6.70
C LEU C 134 2.49 -15.89 8.17
N LYS C 135 1.33 -15.93 8.81
CA LYS C 135 1.17 -15.54 10.20
C LYS C 135 0.64 -16.72 11.00
N LYS C 136 1.01 -16.75 12.29
CA LYS C 136 0.58 -17.81 13.18
C LYS C 136 0.68 -17.33 14.62
N MET C 137 -0.39 -17.54 15.39
CA MET C 137 -0.38 -17.15 16.80
C MET C 137 0.58 -18.03 17.59
N GLN C 138 1.39 -17.41 18.44
CA GLN C 138 2.35 -18.13 19.28
C GLN C 138 2.05 -17.96 20.75
N GLU C 139 2.04 -16.74 21.28
CA GLU C 139 1.81 -16.49 22.70
C GLU C 139 0.72 -15.44 22.86
N GLN C 140 -0.29 -15.76 23.65
CA GLN C 140 -1.39 -14.85 23.93
C GLN C 140 -1.16 -14.25 25.32
N LYS C 141 -0.89 -12.95 25.37
CA LYS C 141 -0.63 -12.24 26.61
C LYS C 141 -1.80 -11.34 26.96
N GLN C 142 -1.77 -10.82 28.19
CA GLN C 142 -2.87 -9.99 28.68
C GLN C 142 -2.94 -8.65 27.95
N TYR C 143 -1.79 -8.10 27.60
CA TYR C 143 -1.73 -6.79 26.93
C TYR C 143 -1.48 -6.90 25.43
N GLY C 144 -1.28 -8.11 24.91
CA GLY C 144 -1.04 -8.26 23.49
C GLY C 144 -0.80 -9.70 23.12
N ASN C 145 -0.12 -9.91 22.00
CA ASN C 145 0.19 -11.25 21.54
C ASN C 145 1.44 -11.19 20.66
N ILE C 146 1.97 -12.38 20.38
CA ILE C 146 3.18 -12.54 19.57
C ILE C 146 2.84 -13.40 18.36
N ILE C 147 3.14 -12.90 17.17
CA ILE C 147 2.79 -13.56 15.92
C ILE C 147 4.08 -14.01 15.25
N GLU C 148 4.16 -15.29 14.92
CA GLU C 148 5.30 -15.82 14.19
C GLU C 148 5.12 -15.60 12.70
N LEU C 149 6.14 -15.04 12.06
CA LEU C 149 6.08 -14.66 10.66
C LEU C 149 6.99 -15.57 9.84
N THR C 150 6.45 -16.11 8.75
CA THR C 150 7.20 -16.89 7.79
C THR C 150 7.10 -16.21 6.43
N ILE C 151 8.24 -15.80 5.89
CA ILE C 151 8.30 -15.01 4.66
C ILE C 151 8.79 -15.91 3.52
N HIS C 152 8.02 -15.94 2.43
CA HIS C 152 8.39 -16.64 1.20
C HIS C 152 8.35 -15.62 0.07
N GLY C 153 9.52 -15.13 -0.35
CA GLY C 153 9.59 -14.08 -1.34
C GLY C 153 10.64 -14.36 -2.39
N PHE C 154 10.65 -13.49 -3.40
CA PHE C 154 11.60 -13.58 -4.50
C PHE C 154 12.07 -12.17 -4.86
N CYS C 155 13.37 -12.03 -5.10
CA CYS C 155 13.96 -10.77 -5.51
C CYS C 155 14.74 -10.98 -6.81
N PRO C 156 14.51 -10.14 -7.82
CA PRO C 156 15.30 -10.26 -9.05
C PRO C 156 16.74 -9.82 -8.82
N LEU C 157 17.65 -10.47 -9.56
CA LEU C 157 19.06 -10.19 -9.40
C LEU C 157 19.38 -8.76 -9.81
N LEU C 158 19.88 -7.97 -8.85
CA LEU C 158 20.25 -6.58 -9.08
C LEU C 158 19.11 -5.77 -9.69
#